data_7NXM
#
_entry.id   7NXM
#
_cell.length_a   32.045
_cell.length_b   71.677
_cell.length_c   80.856
_cell.angle_alpha   90.000
_cell.angle_beta   90.000
_cell.angle_gamma   90.000
#
_symmetry.space_group_name_H-M   'P 2 21 21'
#
loop_
_entity.id
_entity.type
_entity.pdbx_description
1 polymer 'Cathepsin K'
2 non-polymer 'SULFATE ION'
3 non-polymer N-(4-(dibenzylamino)-4-oxobutyl)-2-(5-(dimethylamino)pentanamido)-4-methylpentanamide
4 water water
#
_entity_poly.entity_id   1
_entity_poly.type   'polypeptide(L)'
_entity_poly.pdbx_seq_one_letter_code
;RAPDSVDYRKKGYVTPVKNQGQCGSCWAFSSVGALEGQLKKKTGKLLNLSPQNLVDCVSENDGCGGGYMTNAFQYVQKNR
GIDSEDAYPYVGQEESCMYNPTGKAAKCRGYREIPEGNEKALKRAVARVGPVSVAIDASLTSFQFYSKGVYYDESCNSDN
LNHAVLAVGYGIQKGNKHWIIKNSWGENWGNKGYILMARNKNNACGIANLASFPKM
;
_entity_poly.pdbx_strand_id   A
#
# COMPACT_ATOMS: atom_id res chain seq x y z
N ARG A 1 3.47 -18.94 -15.66
CA ARG A 1 4.59 -18.15 -15.09
C ARG A 1 4.39 -16.67 -15.45
N ALA A 2 4.45 -15.81 -14.44
CA ALA A 2 4.28 -14.34 -14.55
C ALA A 2 5.54 -13.80 -15.18
N PRO A 3 5.58 -12.52 -15.58
CA PRO A 3 6.80 -11.93 -16.10
C PRO A 3 7.88 -11.92 -15.02
N ASP A 4 9.12 -11.81 -15.48
CA ASP A 4 10.31 -11.81 -14.61
C ASP A 4 10.39 -10.46 -13.87
N SER A 5 9.86 -9.41 -14.47
CA SER A 5 9.79 -8.08 -13.80
CA SER A 5 9.82 -8.05 -13.85
C SER A 5 8.47 -7.41 -14.17
N VAL A 6 7.93 -6.67 -13.22
CA VAL A 6 6.68 -5.88 -13.40
C VAL A 6 6.94 -4.54 -12.72
N ASP A 7 6.52 -3.45 -13.34
CA ASP A 7 6.64 -2.10 -12.70
C ASP A 7 5.39 -1.28 -13.06
N TYR A 8 4.45 -1.19 -12.12
CA TYR A 8 3.18 -0.49 -12.38
C TYR A 8 3.37 1.02 -12.54
N ARG A 9 4.49 1.55 -12.11
CA ARG A 9 4.75 2.99 -12.31
C ARG A 9 4.88 3.26 -13.83
N LYS A 10 5.47 2.34 -14.57
CA LYS A 10 5.67 2.48 -16.04
C LYS A 10 4.32 2.49 -16.74
N LYS A 11 3.30 1.82 -16.16
CA LYS A 11 1.96 1.72 -16.79
C LYS A 11 1.02 2.82 -16.33
N GLY A 12 1.46 3.68 -15.40
CA GLY A 12 0.62 4.82 -15.01
C GLY A 12 -0.39 4.41 -13.98
N TYR A 13 -0.10 3.36 -13.18
CA TYR A 13 -1.06 2.84 -12.18
C TYR A 13 -0.77 3.43 -10.79
N VAL A 14 0.31 4.20 -10.64
CA VAL A 14 0.75 4.62 -9.29
C VAL A 14 0.79 6.15 -9.21
N THR A 15 0.19 6.71 -8.17
CA THR A 15 0.16 8.16 -7.90
C THR A 15 1.47 8.58 -7.25
N PRO A 16 1.74 9.90 -7.15
CA PRO A 16 2.95 10.36 -6.52
C PRO A 16 3.02 9.89 -5.07
N VAL A 17 4.24 9.80 -4.58
CA VAL A 17 4.57 9.48 -3.17
C VAL A 17 3.98 10.54 -2.27
N LYS A 18 3.32 10.07 -1.22
CA LYS A 18 2.66 10.90 -0.19
C LYS A 18 3.50 10.93 1.09
N ASN A 19 3.17 11.88 1.96
CA ASN A 19 3.76 11.98 3.31
C ASN A 19 2.65 11.88 4.37
N GLN A 20 2.67 10.80 5.14
CA GLN A 20 1.69 10.57 6.21
C GLN A 20 1.88 11.57 7.37
N GLY A 21 3.05 12.19 7.52
CA GLY A 21 3.31 13.13 8.66
C GLY A 21 3.31 12.38 9.99
N GLN A 22 3.00 13.05 11.09
CA GLN A 22 2.94 12.47 12.47
C GLN A 22 1.58 11.84 12.72
N CYS A 23 1.28 10.80 11.96
CA CYS A 23 0.01 10.05 12.06
C CYS A 23 0.36 8.60 11.71
N GLY A 24 -0.13 7.61 12.47
CA GLY A 24 0.04 6.19 12.10
C GLY A 24 -0.95 5.73 11.04
N SER A 25 -0.95 6.39 9.87
CA SER A 25 -1.97 6.25 8.82
C SER A 25 -1.38 5.45 7.65
N CYS A 26 -0.19 4.89 7.85
CA CYS A 26 0.45 4.03 6.80
C CYS A 26 -0.63 3.12 6.16
N TRP A 27 -1.43 2.45 6.98
CA TRP A 27 -2.46 1.49 6.50
C TRP A 27 -3.41 2.16 5.51
N ALA A 28 -3.73 3.44 5.74
CA ALA A 28 -4.67 4.20 4.90
C ALA A 28 -4.00 4.55 3.54
N PHE A 29 -2.71 4.81 3.51
CA PHE A 29 -1.99 5.10 2.26
C PHE A 29 -1.83 3.82 1.45
N SER A 30 -1.39 2.76 2.10
CA SER A 30 -1.32 1.38 1.53
C SER A 30 -2.66 1.06 0.84
N SER A 31 -3.75 1.27 1.56
CA SER A 31 -5.12 0.89 1.13
C SER A 31 -5.47 1.73 -0.09
N VAL A 32 -5.29 3.04 -0.01
CA VAL A 32 -5.65 3.88 -1.18
C VAL A 32 -4.73 3.54 -2.33
N GLY A 33 -3.46 3.20 -2.08
CA GLY A 33 -2.60 2.85 -3.20
C GLY A 33 -3.13 1.68 -4.00
N ALA A 34 -3.60 0.63 -3.31
CA ALA A 34 -4.08 -0.62 -3.96
C ALA A 34 -5.41 -0.24 -4.67
N LEU A 35 -6.25 0.59 -4.04
CA LEU A 35 -7.55 0.98 -4.67
C LEU A 35 -7.28 1.83 -5.92
N GLU A 36 -6.30 2.75 -5.86
CA GLU A 36 -5.85 3.59 -7.00
C GLU A 36 -5.36 2.71 -8.16
N GLY A 37 -4.63 1.63 -7.92
CA GLY A 37 -4.20 0.73 -9.01
C GLY A 37 -5.38 0.07 -9.70
N GLN A 38 -6.35 -0.40 -8.93
CA GLN A 38 -7.51 -1.10 -9.53
C GLN A 38 -8.35 -0.06 -10.27
N LEU A 39 -8.48 1.16 -9.74
CA LEU A 39 -9.27 2.21 -10.42
C LEU A 39 -8.64 2.51 -11.78
N LYS A 40 -7.32 2.67 -11.82
CA LYS A 40 -6.64 2.97 -13.10
C LYS A 40 -6.83 1.77 -14.03
N LYS A 41 -6.72 0.54 -13.51
CA LYS A 41 -6.79 -0.69 -14.35
C LYS A 41 -8.17 -0.79 -14.98
N LYS A 42 -9.22 -0.55 -14.21
CA LYS A 42 -10.63 -0.77 -14.67
C LYS A 42 -11.17 0.46 -15.41
N THR A 43 -10.69 1.68 -15.17
CA THR A 43 -11.36 2.91 -15.70
C THR A 43 -10.43 3.69 -16.64
N GLY A 44 -9.13 3.45 -16.56
CA GLY A 44 -8.13 4.26 -17.28
C GLY A 44 -7.81 5.59 -16.64
N LYS A 45 -8.44 5.96 -15.52
CA LYS A 45 -8.14 7.21 -14.79
C LYS A 45 -7.18 6.94 -13.62
N LEU A 46 -6.11 7.71 -13.52
CA LEU A 46 -5.21 7.77 -12.34
C LEU A 46 -5.64 8.95 -11.48
N LEU A 47 -6.17 8.72 -10.29
CA LEU A 47 -6.46 9.87 -9.40
CA LEU A 47 -6.65 9.79 -9.38
C LEU A 47 -6.14 9.51 -7.95
N ASN A 48 -5.86 10.55 -7.19
CA ASN A 48 -5.57 10.41 -5.73
C ASN A 48 -6.88 10.15 -5.02
N LEU A 49 -6.96 9.04 -4.33
CA LEU A 49 -8.09 8.77 -3.42
C LEU A 49 -7.74 9.30 -2.01
N SER A 50 -8.68 9.26 -1.09
CA SER A 50 -8.60 9.94 0.24
C SER A 50 -8.19 9.00 1.36
N PRO A 51 -6.91 9.07 1.81
CA PRO A 51 -6.52 8.35 3.02
C PRO A 51 -7.27 8.91 4.24
N GLN A 52 -7.53 10.23 4.23
CA GLN A 52 -8.17 10.92 5.37
C GLN A 52 -9.57 10.33 5.58
N ASN A 53 -10.27 10.03 4.50
CA ASN A 53 -11.61 9.39 4.53
C ASN A 53 -11.49 8.11 5.35
N LEU A 54 -10.44 7.33 5.11
CA LEU A 54 -10.25 6.03 5.82
C LEU A 54 -9.87 6.29 7.28
N VAL A 55 -8.89 7.16 7.52
CA VAL A 55 -8.43 7.49 8.90
C VAL A 55 -9.66 7.87 9.74
N ASP A 56 -10.49 8.79 9.24
CA ASP A 56 -11.62 9.37 10.02
C ASP A 56 -12.78 8.37 10.15
N CYS A 57 -12.99 7.48 9.18
CA CYS A 57 -14.29 6.76 9.01
C CYS A 57 -14.20 5.24 9.23
N VAL A 58 -13.01 4.62 9.11
CA VAL A 58 -12.89 3.15 9.37
C VAL A 58 -12.94 2.93 10.85
N SER A 59 -14.14 2.71 11.38
CA SER A 59 -14.32 2.60 12.86
C SER A 59 -13.71 1.31 13.41
N GLU A 60 -13.49 0.28 12.58
CA GLU A 60 -12.78 -0.97 12.96
C GLU A 60 -11.25 -0.73 13.05
N ASN A 61 -10.76 0.39 12.57
CA ASN A 61 -9.32 0.78 12.66
C ASN A 61 -9.21 1.87 13.73
N ASP A 62 -7.99 2.32 14.01
CA ASP A 62 -7.68 3.18 15.18
C ASP A 62 -7.16 4.55 14.69
N GLY A 63 -7.58 5.01 13.51
CA GLY A 63 -7.17 6.31 12.96
C GLY A 63 -5.67 6.51 12.94
N CYS A 64 -5.15 7.55 13.58
CA CYS A 64 -3.67 7.78 13.61
C CYS A 64 -2.98 6.79 14.54
N GLY A 65 -3.71 5.89 15.20
CA GLY A 65 -3.14 4.89 16.12
C GLY A 65 -2.98 3.54 15.45
N GLY A 66 -3.22 3.44 14.14
CA GLY A 66 -2.94 2.20 13.40
C GLY A 66 -4.18 1.55 12.85
N GLY A 67 -3.98 0.56 11.99
CA GLY A 67 -5.11 -0.14 11.39
C GLY A 67 -4.66 -1.18 10.41
N TYR A 68 -5.61 -1.85 9.81
CA TYR A 68 -5.39 -2.89 8.80
C TYR A 68 -6.05 -2.50 7.50
N MET A 69 -5.40 -2.88 6.41
CA MET A 69 -5.89 -2.62 5.05
C MET A 69 -7.17 -3.40 4.78
N THR A 70 -7.29 -4.64 5.28
CA THR A 70 -8.52 -5.43 5.03
C THR A 70 -9.70 -4.69 5.64
N ASN A 71 -9.55 -4.18 6.85
CA ASN A 71 -10.66 -3.41 7.48
C ASN A 71 -11.04 -2.23 6.57
N ALA A 72 -10.08 -1.52 6.01
CA ALA A 72 -10.29 -0.37 5.12
C ALA A 72 -11.05 -0.77 3.86
N PHE A 73 -10.64 -1.83 3.17
CA PHE A 73 -11.39 -2.35 1.99
C PHE A 73 -12.83 -2.70 2.37
N GLN A 74 -13.04 -3.40 3.49
CA GLN A 74 -14.40 -3.77 3.97
C GLN A 74 -15.22 -2.51 4.23
N TYR A 75 -14.64 -1.47 4.83
CA TYR A 75 -15.34 -0.18 5.00
C TYR A 75 -15.78 0.41 3.67
N VAL A 76 -14.88 0.45 2.67
CA VAL A 76 -15.18 1.08 1.37
C VAL A 76 -16.33 0.30 0.71
N GLN A 77 -16.30 -1.03 0.82
CA GLN A 77 -17.39 -1.93 0.33
C GLN A 77 -18.71 -1.61 1.04
N LYS A 78 -18.72 -1.63 2.36
CA LYS A 78 -19.91 -1.34 3.19
C LYS A 78 -20.39 0.09 2.94
N ASN A 79 -19.48 1.05 2.80
CA ASN A 79 -19.85 2.48 2.65
C ASN A 79 -20.36 2.81 1.24
N ARG A 80 -20.19 1.89 0.28
CA ARG A 80 -20.55 2.06 -1.16
CA ARG A 80 -20.53 2.03 -1.16
C ARG A 80 -19.69 3.17 -1.77
N GLY A 81 -18.49 3.41 -1.25
CA GLY A 81 -17.63 4.42 -1.88
C GLY A 81 -16.45 4.84 -1.03
N ILE A 82 -15.49 5.49 -1.69
CA ILE A 82 -14.41 6.26 -1.03
C ILE A 82 -14.30 7.55 -1.81
N ASP A 83 -14.09 8.65 -1.10
CA ASP A 83 -13.86 9.98 -1.70
C ASP A 83 -12.51 10.06 -2.41
N SER A 84 -12.41 10.99 -3.36
CA SER A 84 -11.14 11.48 -3.95
C SER A 84 -10.39 12.29 -2.86
N GLU A 85 -9.07 12.43 -3.00
CA GLU A 85 -8.24 13.33 -2.13
C GLU A 85 -8.81 14.75 -2.23
N ASP A 86 -9.22 15.15 -3.45
CA ASP A 86 -9.70 16.52 -3.74
C ASP A 86 -10.96 16.84 -2.97
N ALA A 87 -11.89 15.88 -2.86
CA ALA A 87 -13.13 15.98 -2.05
C ALA A 87 -12.89 15.79 -0.54
N TYR A 88 -11.82 15.12 -0.12
CA TYR A 88 -11.59 14.79 1.31
C TYR A 88 -10.10 14.85 1.60
N PRO A 89 -9.54 16.08 1.71
CA PRO A 89 -8.09 16.34 1.75
C PRO A 89 -7.44 15.74 3.00
N TYR A 90 -6.18 15.32 2.87
CA TYR A 90 -5.40 14.75 3.98
C TYR A 90 -5.03 15.87 4.95
N VAL A 91 -5.19 15.57 6.22
CA VAL A 91 -4.81 16.47 7.33
C VAL A 91 -3.66 15.87 8.14
N GLY A 92 -3.58 14.56 8.35
CA GLY A 92 -2.51 13.99 9.19
C GLY A 92 -2.83 14.13 10.67
N GLN A 93 -4.10 14.40 10.96
CA GLN A 93 -4.68 14.20 12.32
C GLN A 93 -6.07 13.61 12.15
N GLU A 94 -6.51 12.82 13.12
CA GLU A 94 -7.81 12.10 13.12
C GLU A 94 -8.96 13.07 13.43
N GLU A 95 -9.96 13.15 12.55
CA GLU A 95 -11.09 14.07 12.77
C GLU A 95 -12.36 13.21 12.73
N SER A 96 -13.50 13.80 13.01
CA SER A 96 -14.80 13.09 12.87
CA SER A 96 -14.80 13.09 12.87
C SER A 96 -15.02 12.77 11.38
N CYS A 97 -15.71 11.66 11.11
CA CYS A 97 -15.96 11.17 9.74
C CYS A 97 -16.76 12.22 8.96
N MET A 98 -16.24 12.70 7.82
CA MET A 98 -16.93 13.72 6.98
CA MET A 98 -16.90 13.73 6.97
C MET A 98 -17.06 13.18 5.55
N TYR A 99 -17.29 11.89 5.43
CA TYR A 99 -17.48 11.27 4.10
C TYR A 99 -18.60 12.01 3.37
N ASN A 100 -18.38 12.33 2.11
CA ASN A 100 -19.39 13.02 1.26
C ASN A 100 -19.60 12.20 0.00
N PRO A 101 -20.81 11.62 -0.21
CA PRO A 101 -21.05 10.80 -1.39
C PRO A 101 -20.78 11.54 -2.71
N THR A 102 -20.88 12.87 -2.72
CA THR A 102 -20.73 13.67 -3.97
C THR A 102 -19.29 13.56 -4.49
N GLY A 103 -18.33 13.35 -3.59
CA GLY A 103 -16.92 13.27 -4.00
C GLY A 103 -16.45 11.83 -4.18
N LYS A 104 -17.38 10.87 -4.23
CA LYS A 104 -17.03 9.43 -4.35
C LYS A 104 -16.22 9.25 -5.64
N ALA A 105 -15.05 8.58 -5.58
CA ALA A 105 -14.17 8.35 -6.76
C ALA A 105 -13.91 6.86 -7.01
N ALA A 106 -14.24 5.95 -6.10
CA ALA A 106 -14.08 4.50 -6.35
C ALA A 106 -15.01 3.72 -5.45
N LYS A 107 -15.25 2.46 -5.83
CA LYS A 107 -15.98 1.49 -5.01
C LYS A 107 -15.09 0.29 -4.76
N CYS A 108 -15.51 -0.60 -3.88
CA CYS A 108 -14.78 -1.83 -3.54
C CYS A 108 -15.78 -2.99 -3.40
N ARG A 109 -15.53 -4.13 -4.03
CA ARG A 109 -16.43 -5.31 -4.02
CA ARG A 109 -16.46 -5.28 -3.97
C ARG A 109 -15.83 -6.39 -3.12
N GLY A 110 -14.98 -5.97 -2.18
CA GLY A 110 -14.35 -6.86 -1.21
C GLY A 110 -12.86 -6.92 -1.51
N TYR A 111 -12.25 -7.97 -1.05
CA TYR A 111 -10.78 -8.05 -1.07
C TYR A 111 -10.39 -9.51 -0.99
N ARG A 112 -9.12 -9.73 -1.29
CA ARG A 112 -8.52 -11.09 -1.21
C ARG A 112 -7.23 -10.94 -0.43
N GLU A 113 -6.86 -11.99 0.30
CA GLU A 113 -5.57 -12.06 1.02
C GLU A 113 -4.65 -13.01 0.28
N ILE A 114 -3.38 -12.69 0.24
CA ILE A 114 -2.30 -13.60 -0.17
C ILE A 114 -2.07 -14.61 0.93
N PRO A 115 -1.95 -15.92 0.57
CA PRO A 115 -1.55 -16.93 1.53
C PRO A 115 -0.32 -16.49 2.31
N GLU A 116 -0.40 -16.56 3.64
CA GLU A 116 0.65 -16.03 4.55
C GLU A 116 2.00 -16.67 4.22
N GLY A 117 2.98 -15.81 3.95
CA GLY A 117 4.39 -16.17 3.82
C GLY A 117 4.71 -16.56 2.39
N ASN A 118 3.76 -16.47 1.45
CA ASN A 118 3.93 -17.09 0.11
C ASN A 118 4.36 -15.99 -0.88
N GLU A 119 5.67 -15.84 -1.11
CA GLU A 119 6.22 -14.82 -2.03
C GLU A 119 5.92 -15.21 -3.48
N LYS A 120 5.74 -16.51 -3.77
CA LYS A 120 5.34 -16.94 -5.14
C LYS A 120 3.92 -16.40 -5.42
N ALA A 121 2.95 -16.62 -4.52
CA ALA A 121 1.58 -16.09 -4.63
C ALA A 121 1.63 -14.56 -4.70
N LEU A 122 2.46 -13.92 -3.89
CA LEU A 122 2.48 -12.44 -3.91
C LEU A 122 2.94 -11.97 -5.29
N LYS A 123 3.91 -12.64 -5.86
CA LYS A 123 4.46 -12.28 -7.20
C LYS A 123 3.35 -12.41 -8.23
N ARG A 124 2.63 -13.53 -8.21
CA ARG A 124 1.54 -13.81 -9.18
C ARG A 124 0.43 -12.76 -9.03
N ALA A 125 0.09 -12.34 -7.80
CA ALA A 125 -0.95 -11.34 -7.52
C ALA A 125 -0.51 -9.97 -8.05
N VAL A 126 0.74 -9.56 -7.81
CA VAL A 126 1.28 -8.29 -8.38
C VAL A 126 1.16 -8.33 -9.89
N ALA A 127 1.53 -9.43 -10.52
CA ALA A 127 1.48 -9.50 -11.99
C ALA A 127 0.05 -9.45 -12.53
N ARG A 128 -0.85 -10.27 -11.96
CA ARG A 128 -2.24 -10.54 -12.45
C ARG A 128 -3.15 -9.36 -12.09
N VAL A 129 -2.96 -8.78 -10.90
CA VAL A 129 -3.98 -7.86 -10.29
C VAL A 129 -3.48 -6.43 -10.45
N GLY A 130 -2.30 -6.15 -9.95
CA GLY A 130 -1.70 -4.82 -9.91
C GLY A 130 -1.09 -4.59 -8.54
N PRO A 131 -0.84 -3.32 -8.16
CA PRO A 131 -0.23 -3.02 -6.86
C PRO A 131 -0.99 -3.69 -5.70
N VAL A 132 -0.26 -4.24 -4.74
CA VAL A 132 -0.82 -5.05 -3.64
C VAL A 132 -0.43 -4.38 -2.34
N SER A 133 -1.34 -4.28 -1.39
CA SER A 133 -1.02 -3.71 -0.05
C SER A 133 -0.23 -4.76 0.73
N VAL A 134 0.87 -4.35 1.36
CA VAL A 134 1.69 -5.32 2.15
C VAL A 134 2.06 -4.68 3.47
N ALA A 135 2.39 -5.52 4.44
CA ALA A 135 2.85 -5.10 5.77
C ALA A 135 4.26 -5.61 5.95
N ILE A 136 5.09 -4.84 6.64
CA ILE A 136 6.51 -5.16 6.88
C ILE A 136 6.91 -4.74 8.29
N ASP A 137 8.06 -5.27 8.72
CA ASP A 137 8.83 -4.70 9.87
C ASP A 137 9.74 -3.61 9.31
N ALA A 138 9.40 -2.35 9.55
CA ALA A 138 10.16 -1.16 9.11
C ALA A 138 10.85 -0.52 10.36
N SER A 139 11.11 -1.33 11.41
CA SER A 139 11.59 -0.85 12.74
C SER A 139 13.10 -0.59 12.75
N LEU A 140 13.83 -1.21 11.83
CA LEU A 140 15.32 -1.20 11.88
C LEU A 140 15.85 0.15 11.39
N THR A 141 16.93 0.68 12.00
CA THR A 141 17.51 1.93 11.48
C THR A 141 18.01 1.67 10.04
N SER A 142 18.42 0.43 9.71
CA SER A 142 18.86 0.07 8.33
C SER A 142 17.77 0.46 7.34
N PHE A 143 16.49 0.22 7.69
CA PHE A 143 15.31 0.55 6.84
C PHE A 143 15.15 2.07 6.75
N GLN A 144 15.18 2.74 7.88
CA GLN A 144 14.97 4.21 7.96
C GLN A 144 16.00 4.98 7.11
N PHE A 145 17.25 4.53 7.03
CA PHE A 145 18.36 5.21 6.29
C PHE A 145 18.49 4.69 4.85
N TYR A 146 17.58 3.84 4.38
CA TYR A 146 17.75 3.21 3.05
C TYR A 146 18.04 4.30 2.02
N SER A 147 18.94 4.02 1.08
CA SER A 147 19.30 4.93 -0.05
C SER A 147 19.16 4.21 -1.40
N LYS A 148 19.78 3.06 -1.56
CA LYS A 148 19.84 2.39 -2.87
C LYS A 148 20.05 0.91 -2.68
N GLY A 149 19.90 0.17 -3.77
CA GLY A 149 20.20 -1.27 -3.79
C GLY A 149 18.99 -2.02 -3.29
N VAL A 150 19.19 -3.29 -2.99
CA VAL A 150 18.11 -4.20 -2.58
C VAL A 150 18.24 -4.43 -1.10
N TYR A 151 17.33 -3.85 -0.33
CA TYR A 151 17.36 -3.87 1.14
C TYR A 151 17.20 -5.28 1.70
N TYR A 152 18.16 -5.69 2.53
CA TYR A 152 18.07 -6.96 3.30
C TYR A 152 18.79 -6.78 4.62
N ASP A 153 18.15 -7.15 5.71
CA ASP A 153 18.76 -7.11 7.06
C ASP A 153 18.30 -8.36 7.80
N GLU A 154 19.23 -9.25 8.17
CA GLU A 154 18.88 -10.49 8.91
C GLU A 154 18.15 -10.20 10.23
N SER A 155 18.24 -9.00 10.81
CA SER A 155 17.54 -8.62 12.06
C SER A 155 16.11 -8.23 11.80
N CYS A 156 15.72 -8.12 10.53
CA CYS A 156 14.32 -7.81 10.20
C CYS A 156 13.44 -8.92 10.76
N ASN A 157 12.36 -8.56 11.42
CA ASN A 157 11.54 -9.54 12.15
C ASN A 157 10.23 -9.78 11.42
N SER A 158 10.02 -10.96 10.82
CA SER A 158 8.78 -11.19 10.03
CA SER A 158 8.79 -11.31 10.04
C SER A 158 7.53 -11.34 10.94
N ASP A 159 7.72 -11.50 12.24
CA ASP A 159 6.60 -11.60 13.19
C ASP A 159 6.36 -10.24 13.85
N ASN A 160 7.07 -9.21 13.42
CA ASN A 160 6.89 -7.86 13.98
C ASN A 160 6.42 -6.93 12.87
N LEU A 161 5.22 -7.14 12.34
CA LEU A 161 4.72 -6.21 11.28
C LEU A 161 4.27 -4.92 11.95
N ASN A 162 4.80 -3.80 11.50
CA ASN A 162 4.50 -2.49 12.12
C ASN A 162 4.28 -1.43 11.06
N HIS A 163 4.42 -1.71 9.78
CA HIS A 163 4.30 -0.66 8.74
C HIS A 163 3.56 -1.21 7.53
N ALA A 164 2.71 -0.42 6.92
CA ALA A 164 1.94 -0.81 5.74
C ALA A 164 2.48 -0.01 4.56
N VAL A 165 2.74 -0.71 3.46
CA VAL A 165 3.30 -0.08 2.23
C VAL A 165 2.63 -0.71 1.03
N LEU A 166 3.08 -0.36 -0.17
CA LEU A 166 2.45 -0.81 -1.42
C LEU A 166 3.50 -1.46 -2.32
N ALA A 167 3.29 -2.73 -2.69
CA ALA A 167 4.11 -3.43 -3.70
C ALA A 167 3.60 -3.04 -5.10
N VAL A 168 4.36 -2.23 -5.82
CA VAL A 168 3.96 -1.74 -7.15
C VAL A 168 4.74 -2.48 -8.22
N GLY A 169 5.49 -3.50 -7.88
CA GLY A 169 6.22 -4.29 -8.88
C GLY A 169 7.28 -5.13 -8.23
N TYR A 170 8.10 -5.74 -9.04
CA TYR A 170 9.14 -6.68 -8.60
C TYR A 170 10.11 -6.80 -9.77
N GLY A 171 11.34 -7.22 -9.46
CA GLY A 171 12.31 -7.40 -10.54
C GLY A 171 13.55 -8.03 -10.02
N ILE A 172 14.62 -7.85 -10.79
CA ILE A 172 15.97 -8.37 -10.42
C ILE A 172 16.91 -7.24 -10.76
N GLN A 173 17.63 -6.73 -9.76
CA GLN A 173 18.70 -5.73 -9.93
C GLN A 173 20.07 -6.40 -9.82
N LYS A 174 20.70 -6.63 -10.99
CA LYS A 174 22.05 -7.23 -11.07
C LYS A 174 22.04 -8.55 -10.30
N GLY A 175 21.09 -9.41 -10.62
CA GLY A 175 20.99 -10.75 -10.02
C GLY A 175 20.30 -10.78 -8.66
N ASN A 176 20.01 -9.65 -8.03
CA ASN A 176 19.33 -9.64 -6.69
C ASN A 176 17.83 -9.44 -6.87
N LYS A 177 17.02 -10.45 -6.58
CA LYS A 177 15.54 -10.33 -6.73
C LYS A 177 15.01 -9.31 -5.71
N HIS A 178 14.00 -8.54 -6.08
CA HIS A 178 13.42 -7.48 -5.24
C HIS A 178 11.93 -7.29 -5.49
N TRP A 179 11.30 -6.66 -4.52
CA TRP A 179 9.96 -6.02 -4.56
C TRP A 179 10.19 -4.53 -4.68
N ILE A 180 9.36 -3.87 -5.51
CA ILE A 180 9.38 -2.40 -5.65
C ILE A 180 8.33 -1.85 -4.70
N ILE A 181 8.77 -1.13 -3.69
CA ILE A 181 7.89 -0.76 -2.54
C ILE A 181 7.72 0.76 -2.52
N LYS A 182 6.49 1.21 -2.62
CA LYS A 182 6.15 2.62 -2.41
C LYS A 182 5.88 2.87 -0.93
N ASN A 183 6.61 3.82 -0.36
CA ASN A 183 6.44 4.21 1.06
C ASN A 183 5.58 5.48 1.11
N SER A 184 5.15 5.91 2.29
CA SER A 184 4.28 7.08 2.53
C SER A 184 5.01 8.06 3.50
N TRP A 185 6.35 8.11 3.40
CA TRP A 185 7.22 8.97 4.24
C TRP A 185 7.77 10.15 3.41
N GLY A 186 7.13 10.49 2.30
CA GLY A 186 7.47 11.64 1.46
C GLY A 186 8.53 11.29 0.42
N GLU A 187 8.65 12.14 -0.59
CA GLU A 187 9.61 11.95 -1.72
C GLU A 187 11.03 12.01 -1.21
N ASN A 188 11.23 12.55 0.00
CA ASN A 188 12.56 12.87 0.57
CA ASN A 188 12.57 12.85 0.53
C ASN A 188 13.20 11.58 1.10
N TRP A 189 12.38 10.58 1.42
CA TRP A 189 12.80 9.33 2.07
C TRP A 189 13.28 8.29 1.04
N GLY A 190 14.30 7.51 1.41
CA GLY A 190 14.76 6.35 0.60
C GLY A 190 15.17 6.77 -0.79
N ASN A 191 14.75 6.04 -1.82
CA ASN A 191 15.00 6.46 -3.22
C ASN A 191 13.76 7.13 -3.85
N LYS A 192 13.65 8.45 -3.69
CA LYS A 192 12.45 9.26 -4.08
C LYS A 192 11.14 8.65 -3.53
N GLY A 193 11.20 8.09 -2.33
CA GLY A 193 10.03 7.60 -1.57
C GLY A 193 9.79 6.12 -1.75
N TYR A 194 10.67 5.45 -2.50
CA TYR A 194 10.64 4.01 -2.85
C TYR A 194 11.78 3.27 -2.16
N ILE A 195 11.58 1.98 -1.94
CA ILE A 195 12.64 1.06 -1.46
C ILE A 195 12.53 -0.23 -2.26
N LEU A 196 13.66 -0.78 -2.74
CA LEU A 196 13.69 -2.16 -3.27
C LEU A 196 13.96 -3.10 -2.13
N MET A 197 13.02 -4.02 -1.90
CA MET A 197 13.13 -4.95 -0.75
C MET A 197 13.40 -6.35 -1.26
N ALA A 198 14.28 -7.08 -0.54
CA ALA A 198 14.72 -8.42 -0.96
C ALA A 198 13.54 -9.37 -1.17
N ARG A 199 13.56 -10.08 -2.27
CA ARG A 199 12.52 -11.03 -2.69
C ARG A 199 13.12 -12.42 -2.76
N ASN A 200 12.33 -13.39 -2.29
CA ASN A 200 12.69 -14.83 -2.25
C ASN A 200 13.94 -15.00 -1.36
N LYS A 201 14.03 -14.22 -0.30
CA LYS A 201 15.06 -14.39 0.76
C LYS A 201 14.34 -14.75 2.05
N ASN A 202 13.55 -15.82 1.99
CA ASN A 202 12.82 -16.35 3.15
C ASN A 202 11.86 -15.29 3.69
N ASN A 203 11.10 -14.63 2.83
CA ASN A 203 10.04 -13.72 3.34
C ASN A 203 10.68 -12.61 4.19
N ALA A 204 11.68 -11.92 3.64
CA ALA A 204 12.44 -10.90 4.36
C ALA A 204 11.52 -9.75 4.83
N CYS A 205 11.55 -9.44 6.14
CA CYS A 205 10.73 -8.39 6.78
C CYS A 205 9.23 -8.72 6.75
N GLY A 206 8.85 -9.97 6.46
CA GLY A 206 7.46 -10.47 6.55
C GLY A 206 6.60 -9.90 5.41
N ILE A 207 7.26 -9.57 4.31
CA ILE A 207 6.65 -8.93 3.11
C ILE A 207 5.40 -9.69 2.63
N ALA A 208 5.37 -11.03 2.73
CA ALA A 208 4.22 -11.80 2.25
C ALA A 208 3.35 -12.28 3.42
N ASN A 209 3.50 -11.70 4.61
CA ASN A 209 2.71 -12.20 5.77
C ASN A 209 1.34 -11.53 5.87
N LEU A 210 1.16 -10.34 5.33
CA LEU A 210 -0.17 -9.67 5.49
C LEU A 210 -0.44 -8.84 4.25
N ALA A 211 -0.48 -9.52 3.10
CA ALA A 211 -0.74 -8.88 1.81
C ALA A 211 -2.20 -9.13 1.39
N SER A 212 -2.76 -8.09 0.82
CA SER A 212 -4.18 -8.07 0.37
C SER A 212 -4.35 -7.11 -0.77
N PHE A 213 -5.42 -7.26 -1.51
CA PHE A 213 -5.77 -6.35 -2.63
C PHE A 213 -7.28 -6.26 -2.67
N PRO A 214 -7.80 -5.11 -3.12
CA PRO A 214 -9.23 -4.93 -3.19
C PRO A 214 -9.77 -5.53 -4.49
N LYS A 215 -11.02 -5.96 -4.43
CA LYS A 215 -11.85 -6.26 -5.64
C LYS A 215 -12.60 -4.99 -6.05
N MET A 216 -12.73 -4.76 -7.36
CA MET A 216 -13.40 -3.56 -7.90
C MET A 216 -14.28 -3.91 -9.11
#